data_6EA3
#
_entry.id   6EA3
#
_cell.length_a   110.450
_cell.length_b   68.760
_cell.length_c   86.350
_cell.angle_alpha   90.000
_cell.angle_beta   104.810
_cell.angle_gamma   90.000
#
_symmetry.space_group_name_H-M   'C 1 2 1'
#
loop_
_entity.id
_entity.type
_entity.pdbx_description
1 polymer 'MbtH-like protein'
2 polymer 'adenylation domain of Fuscachelin synthetase component H'
3 non-polymer 'SERYL ADENYLATE'
4 water water
#
loop_
_entity_poly.entity_id
_entity_poly.type
_entity_poly.pdbx_seq_one_letter_code
_entity_poly.pdbx_strand_id
1 'polypeptide(L)'
;AMADIGSMTNPFDDDEGVFLVLVNDEDQYSLWPEFAEVPQGWRTVFGPTSRAAALDYINTHWTDLRPRSLREAMEAHSTA
G
;
A
2 'polypeptide(L)'
;GSHMASMTGGQQMGRGSEFDSERPLCAFDLLGDAERAALAAHNATRHPLAEHTLTALVDAAAHTHADRVALIADGIRLTY
REVHDRAGRLAALLAERGVAPGDVVAVALPRSADLVIALLGVLRAGAAYLPLDVDHPPARLAAMVERARAGTVVTCQGAL
PRLGDRLPGTVVVDDAATRDRLAGLEPLPTRDVHPDQLAYTIFTSGSTGEPKGVGVAHRAIANRLQWMQHTYRLTPEDRV
AQKTPVGFDVSVWEFFWPLITGATLVVARPGGHRDPAYLAALFAEHKVTVCHFVPSLLRVFLNEPTARRATALRQVIVSG
EALDADLARAWARTLPQARLDNLYGPTEAAVDVTSHPVCGAGTEPVRDPVPIGRPVWNTELYVLDSSLRPLPTGAVGELY
LGGVQLARGYVGRPGMTASRFVANPFGPPGSRLYRTGDLVRRRADGAVEYLGRVDDQVKINGVRVEPGEVEAVLRAQPGV
ADAAVAARPAPAGGLRLVGYLVPDGSPPDVDEVRRGLADRLPAAWVPAAFVVVDALPLTVNGKLRRDALPDPDPGPV
;
B
#
loop_
_chem_comp.id
_chem_comp.type
_chem_comp.name
_chem_comp.formula
SRP non-polymer 'SERYL ADENYLATE' 'C13 H19 N6 O9 P'
#
# COMPACT_ATOMS: atom_id res chain seq x y z
N THR A 9 0.23 22.97 14.90
CA THR A 9 0.32 22.91 13.44
C THR A 9 1.76 22.56 13.06
N ASN A 10 1.89 21.73 12.04
CA ASN A 10 3.19 21.16 11.76
C ASN A 10 4.14 22.24 11.20
N PRO A 11 5.43 22.26 11.62
CA PRO A 11 6.32 23.33 11.17
C PRO A 11 6.56 23.30 9.67
N PHE A 12 6.44 22.12 9.03
CA PHE A 12 6.64 22.12 7.59
C PHE A 12 5.45 22.68 6.81
N ASP A 13 4.33 22.96 7.49
CA ASP A 13 3.17 23.57 6.87
C ASP A 13 3.04 25.06 7.16
N ASP A 14 3.98 25.64 7.92
CA ASP A 14 3.85 27.03 8.42
C ASP A 14 4.23 27.97 7.29
N ASP A 15 3.22 28.58 6.67
CA ASP A 15 3.43 29.50 5.51
C ASP A 15 4.29 30.71 5.89
N GLU A 16 4.40 31.02 7.18
CA GLU A 16 5.16 32.16 7.66
C GLU A 16 6.50 31.75 8.24
N GLY A 17 6.89 30.48 8.12
CA GLY A 17 8.17 30.03 8.62
C GLY A 17 9.34 30.47 7.77
N VAL A 18 10.53 30.16 8.24
CA VAL A 18 11.76 30.41 7.49
C VAL A 18 12.35 29.04 7.13
N PHE A 19 12.66 28.84 5.83
CA PHE A 19 12.98 27.49 5.37
C PHE A 19 14.28 27.41 4.59
N LEU A 20 14.88 26.23 4.67
CA LEU A 20 15.98 25.83 3.80
C LEU A 20 15.47 24.74 2.87
N VAL A 21 16.23 24.52 1.79
CA VAL A 21 16.09 23.31 0.98
C VAL A 21 17.32 22.46 1.18
N LEU A 22 17.15 21.16 1.49
CA LEU A 22 18.28 20.23 1.70
C LEU A 22 18.24 19.16 0.62
N VAL A 23 19.43 18.60 0.26
CA VAL A 23 19.50 17.47 -0.67
C VAL A 23 20.44 16.44 -0.08
N ASN A 24 20.18 15.13 -0.33
CA ASN A 24 21.02 14.06 0.17
C ASN A 24 21.85 13.52 -0.99
N ASP A 25 22.62 12.48 -0.67
CA ASP A 25 23.50 11.90 -1.70
C ASP A 25 22.73 11.20 -2.80
N GLU A 26 21.46 10.83 -2.56
CA GLU A 26 20.59 10.24 -3.55
C GLU A 26 19.84 11.31 -4.35
N ASP A 27 20.21 12.58 -4.19
CA ASP A 27 19.61 13.68 -4.91
C ASP A 27 18.11 13.74 -4.64
N GLN A 28 17.69 13.35 -3.43
CA GLN A 28 16.32 13.59 -2.98
C GLN A 28 16.32 14.87 -2.17
N TYR A 29 15.20 15.61 -2.21
CA TYR A 29 15.10 16.93 -1.59
C TYR A 29 14.19 16.92 -0.38
N SER A 30 14.49 17.83 0.55
CA SER A 30 13.65 18.05 1.72
C SER A 30 13.47 19.53 1.97
N LEU A 31 12.23 19.95 2.21
CA LEU A 31 12.00 21.23 2.91
C LEU A 31 12.53 21.16 4.34
N TRP A 32 13.00 22.30 4.88
CA TRP A 32 13.57 22.11 6.24
C TRP A 32 13.40 23.42 7.01
N PRO A 33 12.84 23.42 8.21
CA PRO A 33 12.76 24.70 8.96
C PRO A 33 14.12 25.14 9.50
N GLU A 34 14.42 26.45 9.34
CA GLU A 34 15.75 26.92 9.66
C GLU A 34 16.07 26.74 11.15
N PHE A 35 15.03 26.67 12.00
CA PHE A 35 15.33 26.50 13.43
C PHE A 35 15.96 25.15 13.78
N ALA A 36 15.84 24.11 12.94
CA ALA A 36 16.27 22.77 13.29
C ALA A 36 17.66 22.47 12.72
N GLU A 37 18.50 21.78 13.48
CA GLU A 37 19.83 21.38 13.00
C GLU A 37 19.68 20.51 11.74
N VAL A 38 20.54 20.75 10.76
CA VAL A 38 20.48 19.94 9.51
C VAL A 38 20.96 18.53 9.79
N PRO A 39 20.17 17.50 9.46
CA PRO A 39 20.60 16.13 9.76
C PRO A 39 21.83 15.73 8.93
N GLN A 40 22.56 14.77 9.49
CA GLN A 40 23.74 14.22 8.83
C GLN A 40 23.34 13.61 7.49
N GLY A 41 24.17 13.81 6.49
CA GLY A 41 23.89 13.25 5.18
C GLY A 41 23.09 14.16 4.30
N TRP A 42 22.79 15.36 4.75
CA TRP A 42 22.01 16.32 3.98
C TRP A 42 22.78 17.63 3.90
N ARG A 43 22.65 18.31 2.78
CA ARG A 43 23.37 19.55 2.50
C ARG A 43 22.38 20.64 2.13
N THR A 44 22.60 21.84 2.63
CA THR A 44 21.75 22.97 2.32
C THR A 44 22.07 23.48 0.92
N VAL A 45 21.06 23.56 0.05
CA VAL A 45 21.26 24.10 -1.30
C VAL A 45 20.52 25.40 -1.55
N PHE A 46 19.61 25.83 -0.68
CA PHE A 46 18.83 27.05 -0.90
C PHE A 46 18.30 27.52 0.43
N GLY A 47 18.12 28.84 0.55
CA GLY A 47 17.59 29.44 1.75
C GLY A 47 18.68 29.95 2.64
N PRO A 48 18.31 30.57 3.78
CA PRO A 48 16.94 30.72 4.31
C PRO A 48 16.01 31.58 3.48
N THR A 49 14.75 31.17 3.34
CA THR A 49 13.81 31.92 2.52
C THR A 49 12.38 31.54 2.94
N SER A 50 11.39 32.06 2.24
CA SER A 50 10.00 31.78 2.54
C SER A 50 9.64 30.36 2.13
N ARG A 51 8.53 29.87 2.67
CA ARG A 51 8.09 28.52 2.32
C ARG A 51 7.82 28.45 0.81
N ALA A 52 7.20 29.50 0.27
CA ALA A 52 6.83 29.46 -1.13
C ALA A 52 8.05 29.45 -2.02
N ALA A 53 9.07 30.23 -1.65
CA ALA A 53 10.28 30.28 -2.48
C ALA A 53 11.09 28.98 -2.36
N ALA A 54 11.08 28.35 -1.18
CA ALA A 54 11.73 27.05 -1.05
C ALA A 54 11.03 26.01 -1.92
N LEU A 55 9.68 25.98 -1.85
CA LEU A 55 8.95 24.98 -2.65
C LEU A 55 9.11 25.26 -4.14
N ASP A 56 9.22 26.54 -4.53
CA ASP A 56 9.45 26.83 -5.96
C ASP A 56 10.82 26.32 -6.40
N TYR A 57 11.83 26.47 -5.54
CA TYR A 57 13.15 25.92 -5.85
C TYR A 57 13.05 24.41 -6.03
N ILE A 58 12.34 23.75 -5.12
CA ILE A 58 12.25 22.28 -5.22
C ILE A 58 11.52 21.88 -6.49
N ASN A 59 10.43 22.59 -6.82
CA ASN A 59 9.62 22.17 -7.97
C ASN A 59 10.36 22.39 -9.26
N THR A 60 11.31 23.33 -9.27
CA THR A 60 12.07 23.54 -10.53
C THR A 60 13.37 22.78 -10.60
N HIS A 61 13.89 22.26 -9.48
CA HIS A 61 15.15 21.54 -9.45
C HIS A 61 15.02 20.05 -9.33
N TRP A 62 14.02 19.54 -8.62
CA TRP A 62 13.90 18.09 -8.43
C TRP A 62 12.97 17.52 -9.50
N THR A 63 13.52 17.24 -10.70
CA THR A 63 12.66 16.82 -11.79
C THR A 63 12.64 15.31 -11.98
N ASP A 64 13.36 14.55 -11.16
CA ASP A 64 13.35 13.08 -11.25
C ASP A 64 13.32 12.52 -9.83
N LEU A 65 12.17 11.98 -9.41
CA LEU A 65 12.10 11.51 -8.02
C LEU A 65 12.84 10.20 -7.75
N ARG A 66 13.35 9.50 -8.77
CA ARG A 66 14.10 8.30 -8.50
C ARG A 66 15.37 8.62 -7.71
N PRO A 67 15.74 7.79 -6.73
CA PRO A 67 17.06 7.91 -6.11
C PRO A 67 18.11 7.87 -7.22
N ARG A 68 19.14 8.70 -7.06
CA ARG A 68 20.24 8.78 -8.04
C ARG A 68 20.79 7.40 -8.41
N SER A 69 20.96 6.53 -7.44
CA SER A 69 21.51 5.18 -7.72
C SER A 69 20.64 4.40 -8.68
N LEU A 70 19.31 4.53 -8.56
CA LEU A 70 18.41 3.83 -9.47
C LEU A 70 18.50 4.41 -10.86
N ARG A 71 18.47 5.74 -10.97
CA ARG A 71 18.60 6.35 -12.29
C ARG A 71 19.91 5.94 -12.95
N GLU A 72 21.02 5.98 -12.21
CA GLU A 72 22.30 5.58 -12.83
C GLU A 72 22.27 4.12 -13.26
N ALA A 73 21.64 3.23 -12.46
CA ALA A 73 21.49 1.81 -12.86
C ALA A 73 20.71 1.68 -14.16
N MET A 74 19.63 2.47 -14.29
CA MET A 74 18.82 2.42 -15.49
C MET A 74 19.54 3.03 -16.69
N GLU A 75 20.34 4.06 -16.48
CA GLU A 75 21.12 4.60 -17.61
C GLU A 75 22.16 3.59 -18.07
N ALA A 76 22.73 2.83 -17.13
CA ALA A 76 23.77 1.84 -17.52
C ALA A 76 23.21 0.65 -18.30
N HIS A 77 21.91 0.36 -18.26
CA HIS A 77 21.39 -0.74 -19.10
C HIS A 77 21.78 -0.61 -20.57
N SER A 78 22.02 0.62 -21.06
CA SER A 78 22.57 0.85 -22.40
C SER A 78 24.07 0.53 -22.53
N ALA B 44 14.11 -1.07 17.51
CA ALA B 44 15.05 -2.12 17.10
C ALA B 44 14.33 -3.19 16.29
N THR B 45 13.92 -2.84 15.07
CA THR B 45 13.11 -3.71 14.25
C THR B 45 13.89 -4.26 13.06
N ARG B 46 15.22 -4.08 13.02
CA ARG B 46 16.02 -4.56 11.88
C ARG B 46 15.83 -6.07 11.66
N HIS B 47 15.65 -6.48 10.40
CA HIS B 47 15.33 -7.87 10.10
C HIS B 47 15.75 -8.16 8.67
N PRO B 48 16.50 -9.25 8.40
CA PRO B 48 16.84 -9.59 7.01
C PRO B 48 15.61 -9.92 6.19
N LEU B 49 15.72 -9.65 4.88
CA LEU B 49 14.66 -9.95 3.95
C LEU B 49 15.14 -11.05 3.02
N ALA B 50 14.35 -12.12 2.90
CA ALA B 50 14.70 -13.20 1.96
C ALA B 50 14.72 -12.69 0.52
N GLU B 51 13.76 -11.85 0.14
CA GLU B 51 13.65 -11.30 -1.20
C GLU B 51 13.43 -9.81 -1.08
N HIS B 52 13.76 -9.05 -2.13
CA HIS B 52 13.58 -7.60 -2.09
C HIS B 52 12.65 -7.10 -3.18
N THR B 53 12.02 -8.00 -3.95
CA THR B 53 11.04 -7.57 -4.94
C THR B 53 9.78 -8.40 -4.83
N LEU B 54 8.67 -7.80 -5.26
CA LEU B 54 7.43 -8.60 -5.22
C LEU B 54 7.44 -9.63 -6.33
N THR B 55 8.10 -9.33 -7.45
CA THR B 55 8.16 -10.33 -8.52
C THR B 55 8.92 -11.57 -8.05
N ALA B 56 10.02 -11.40 -7.30
CA ALA B 56 10.75 -12.60 -6.82
C ALA B 56 9.85 -13.45 -5.91
N LEU B 57 9.07 -12.78 -5.05
CA LEU B 57 8.22 -13.52 -4.10
C LEU B 57 7.12 -14.28 -4.84
N VAL B 58 6.47 -13.61 -5.81
CA VAL B 58 5.40 -14.26 -6.57
C VAL B 58 5.94 -15.40 -7.42
N ASP B 59 7.10 -15.19 -8.00
CA ASP B 59 7.68 -16.24 -8.87
C ASP B 59 8.08 -17.47 -8.06
N ALA B 60 8.67 -17.26 -6.89
CA ALA B 60 9.04 -18.40 -6.04
C ALA B 60 7.80 -19.23 -5.69
N ALA B 61 6.70 -18.55 -5.35
CA ALA B 61 5.48 -19.30 -5.01
C ALA B 61 4.90 -20.01 -6.21
N ALA B 62 5.03 -19.42 -7.42
CA ALA B 62 4.43 -20.01 -8.60
C ALA B 62 5.10 -21.33 -8.90
N HIS B 63 6.40 -21.42 -8.60
CA HIS B 63 7.12 -22.67 -8.83
C HIS B 63 6.74 -23.71 -7.77
N THR B 64 6.75 -23.29 -6.51
CA THR B 64 6.55 -24.22 -5.39
C THR B 64 5.12 -24.73 -5.34
N HIS B 65 4.13 -23.90 -5.72
CA HIS B 65 2.73 -24.23 -5.52
C HIS B 65 1.96 -24.38 -6.82
N ALA B 66 2.68 -24.64 -7.92
CA ALA B 66 2.11 -24.64 -9.26
C ALA B 66 0.76 -25.34 -9.40
N ASP B 67 0.61 -26.56 -8.83
CA ASP B 67 -0.61 -27.31 -9.08
C ASP B 67 -1.69 -27.10 -8.00
N ARG B 68 -1.42 -26.21 -7.03
CA ARG B 68 -2.47 -25.79 -6.09
C ARG B 68 -3.40 -24.77 -6.70
N VAL B 69 -4.62 -24.69 -6.16
CA VAL B 69 -5.54 -23.62 -6.58
C VAL B 69 -5.02 -22.27 -6.04
N ALA B 70 -4.91 -21.27 -6.91
CA ALA B 70 -4.53 -19.92 -6.52
C ALA B 70 -5.75 -19.04 -6.34
N LEU B 71 -6.75 -19.22 -7.19
CA LEU B 71 -7.89 -18.28 -7.28
C LEU B 71 -9.18 -19.06 -7.32
N ILE B 72 -10.13 -18.61 -6.54
CA ILE B 72 -11.53 -19.01 -6.62
C ILE B 72 -12.26 -17.73 -7.02
N ALA B 73 -12.73 -17.64 -8.26
CA ALA B 73 -13.28 -16.37 -8.72
C ALA B 73 -14.17 -16.65 -9.92
N ASP B 74 -15.25 -15.88 -10.05
CA ASP B 74 -16.05 -15.92 -11.28
C ASP B 74 -16.71 -17.26 -11.48
N GLY B 75 -16.86 -18.03 -10.43
CA GLY B 75 -17.46 -19.33 -10.54
C GLY B 75 -16.49 -20.42 -10.92
N ILE B 76 -15.21 -20.11 -11.11
CA ILE B 76 -14.25 -21.15 -11.50
C ILE B 76 -13.05 -21.13 -10.54
N ARG B 77 -12.11 -22.04 -10.79
CA ARG B 77 -10.91 -22.23 -9.95
C ARG B 77 -9.74 -22.23 -10.88
N LEU B 78 -8.70 -21.48 -10.55
CA LEU B 78 -7.50 -21.48 -11.40
C LEU B 78 -6.31 -21.87 -10.53
N THR B 79 -5.44 -22.75 -11.05
CA THR B 79 -4.20 -23.07 -10.30
C THR B 79 -3.16 -21.97 -10.44
N TYR B 80 -2.15 -22.01 -9.56
CA TYR B 80 -0.96 -21.14 -9.68
C TYR B 80 -0.38 -21.23 -11.07
N ARG B 81 -0.25 -22.46 -11.59
CA ARG B 81 0.32 -22.60 -12.95
C ARG B 81 -0.50 -21.84 -13.98
N GLU B 82 -1.81 -22.00 -13.96
CA GLU B 82 -2.67 -21.33 -14.94
C GLU B 82 -2.65 -19.82 -14.79
N VAL B 83 -2.70 -19.32 -13.55
CA VAL B 83 -2.70 -17.87 -13.35
C VAL B 83 -1.42 -17.25 -13.86
N HIS B 84 -0.30 -17.91 -13.57
CA HIS B 84 0.99 -17.38 -14.00
C HIS B 84 1.23 -17.58 -15.49
N ASP B 85 0.66 -18.60 -16.11
CA ASP B 85 0.76 -18.67 -17.57
C ASP B 85 0.03 -17.49 -18.21
N ARG B 86 -1.15 -17.17 -17.69
CA ARG B 86 -1.92 -16.08 -18.30
C ARG B 86 -1.26 -14.74 -18.00
N ALA B 87 -0.67 -14.59 -16.80
CA ALA B 87 0.00 -13.34 -16.53
C ALA B 87 1.24 -13.17 -17.38
N GLY B 88 1.90 -14.29 -17.70
CA GLY B 88 3.06 -14.21 -18.59
C GLY B 88 2.70 -13.85 -19.99
N ARG B 89 1.54 -14.33 -20.48
CA ARG B 89 1.13 -13.91 -21.83
C ARG B 89 0.82 -12.43 -21.85
N LEU B 90 0.15 -11.93 -20.82
CA LEU B 90 -0.16 -10.51 -20.79
C LEU B 90 1.12 -9.68 -20.69
N ALA B 91 2.09 -10.14 -19.88
CA ALA B 91 3.38 -9.42 -19.82
C ALA B 91 4.04 -9.36 -21.20
N ALA B 92 3.98 -10.46 -21.94
CA ALA B 92 4.57 -10.49 -23.30
C ALA B 92 3.86 -9.51 -24.20
N LEU B 93 2.54 -9.41 -24.09
CA LEU B 93 1.80 -8.45 -24.92
C LEU B 93 2.16 -7.03 -24.52
N LEU B 94 2.26 -6.76 -23.21
CA LEU B 94 2.62 -5.43 -22.78
C LEU B 94 3.99 -5.06 -23.31
N ALA B 95 4.92 -6.02 -23.28
CA ALA B 95 6.28 -5.73 -23.71
C ALA B 95 6.29 -5.42 -25.20
N GLU B 96 5.49 -6.14 -25.96
CA GLU B 96 5.47 -5.88 -27.43
C GLU B 96 4.76 -4.55 -27.72
N ARG B 97 4.00 -4.02 -26.77
CA ARG B 97 3.36 -2.71 -26.97
C ARG B 97 4.26 -1.61 -26.40
N GLY B 98 5.48 -1.92 -26.00
CA GLY B 98 6.41 -0.89 -25.52
C GLY B 98 6.55 -0.78 -24.02
N VAL B 99 5.79 -1.55 -23.25
CA VAL B 99 5.95 -1.44 -21.77
C VAL B 99 7.32 -1.99 -21.37
N ALA B 100 8.06 -1.21 -20.59
CA ALA B 100 9.41 -1.53 -20.18
C ALA B 100 9.59 -1.29 -18.70
N PRO B 101 10.62 -1.90 -18.11
CA PRO B 101 10.84 -1.70 -16.68
C PRO B 101 10.93 -0.23 -16.32
N GLY B 102 10.22 0.13 -15.26
CA GLY B 102 10.17 1.51 -14.91
C GLY B 102 8.92 2.23 -15.35
N ASP B 103 8.16 1.66 -16.27
CA ASP B 103 6.93 2.29 -16.73
C ASP B 103 5.80 2.09 -15.70
N VAL B 104 4.72 2.86 -15.86
CA VAL B 104 3.50 2.72 -15.06
C VAL B 104 2.38 2.31 -16.00
N VAL B 105 1.64 1.26 -15.64
CA VAL B 105 0.54 0.76 -16.45
C VAL B 105 -0.73 0.90 -15.62
N ALA B 106 -1.74 1.60 -16.12
CA ALA B 106 -3.01 1.69 -15.40
C ALA B 106 -3.84 0.42 -15.67
N VAL B 107 -4.61 0.01 -14.67
CA VAL B 107 -5.44 -1.19 -14.75
C VAL B 107 -6.85 -0.78 -14.37
N ALA B 108 -7.82 -1.04 -15.28
CA ALA B 108 -9.23 -0.67 -15.04
C ALA B 108 -10.08 -1.91 -15.31
N LEU B 109 -10.15 -2.80 -14.33
CA LEU B 109 -10.92 -4.05 -14.47
C LEU B 109 -11.76 -4.25 -13.24
N PRO B 110 -12.98 -4.77 -13.38
CA PRO B 110 -13.75 -5.14 -12.20
C PRO B 110 -13.07 -6.29 -11.47
N ARG B 111 -13.39 -6.41 -10.20
CA ARG B 111 -12.85 -7.51 -9.41
C ARG B 111 -13.24 -8.85 -10.05
N SER B 112 -12.23 -9.67 -10.37
CA SER B 112 -12.38 -10.83 -11.24
C SER B 112 -11.04 -11.56 -11.31
N ALA B 113 -11.03 -12.74 -11.95
CA ALA B 113 -9.73 -13.38 -12.22
C ALA B 113 -8.88 -12.51 -13.15
N ASP B 114 -9.53 -11.86 -14.12
CA ASP B 114 -8.75 -11.07 -15.08
C ASP B 114 -8.02 -9.91 -14.38
N LEU B 115 -8.64 -9.33 -13.34
CA LEU B 115 -7.95 -8.27 -12.57
C LEU B 115 -6.66 -8.82 -11.96
N VAL B 116 -6.75 -9.98 -11.26
CA VAL B 116 -5.55 -10.58 -10.66
C VAL B 116 -4.46 -10.82 -11.68
N ILE B 117 -4.83 -11.46 -12.80
CA ILE B 117 -3.88 -11.73 -13.87
C ILE B 117 -3.26 -10.44 -14.37
N ALA B 118 -4.08 -9.38 -14.52
CA ALA B 118 -3.53 -8.11 -15.02
C ALA B 118 -2.49 -7.54 -14.09
N LEU B 119 -2.78 -7.51 -12.78
CA LEU B 119 -1.77 -6.95 -11.87
C LEU B 119 -0.48 -7.75 -11.95
N LEU B 120 -0.60 -9.08 -11.93
CA LEU B 120 0.60 -9.91 -12.03
C LEU B 120 1.34 -9.70 -13.35
N GLY B 121 0.60 -9.57 -14.46
CA GLY B 121 1.22 -9.35 -15.75
C GLY B 121 1.98 -8.04 -15.82
N VAL B 122 1.40 -6.96 -15.27
CA VAL B 122 2.11 -5.67 -15.20
C VAL B 122 3.40 -5.82 -14.43
N LEU B 123 3.34 -6.42 -13.23
CA LEU B 123 4.58 -6.57 -12.47
C LEU B 123 5.61 -7.42 -13.21
N ARG B 124 5.13 -8.48 -13.86
CA ARG B 124 6.00 -9.41 -14.62
C ARG B 124 6.78 -8.62 -15.67
N ALA B 125 6.09 -7.70 -16.37
CA ALA B 125 6.73 -6.89 -17.39
C ALA B 125 7.71 -5.88 -16.84
N GLY B 126 7.90 -5.81 -15.51
CA GLY B 126 8.80 -4.83 -14.93
C GLY B 126 8.18 -3.49 -14.65
N ALA B 127 6.86 -3.38 -14.76
CA ALA B 127 6.17 -2.10 -14.61
C ALA B 127 5.44 -2.03 -13.28
N ALA B 128 5.07 -0.81 -12.92
CA ALA B 128 4.28 -0.56 -11.70
C ALA B 128 2.81 -0.48 -12.11
N TYR B 129 1.88 -0.96 -11.28
CA TYR B 129 0.48 -0.80 -11.68
C TYR B 129 -0.17 0.39 -10.98
N LEU B 130 -1.11 1.03 -11.69
CA LEU B 130 -1.91 2.14 -11.17
C LEU B 130 -3.34 1.66 -11.21
N PRO B 131 -3.93 1.34 -10.08
CA PRO B 131 -5.30 0.78 -10.10
C PRO B 131 -6.30 1.89 -10.32
N LEU B 132 -7.22 1.65 -11.23
CA LEU B 132 -8.33 2.58 -11.47
C LEU B 132 -9.62 1.86 -11.05
N ASP B 133 -10.33 2.45 -10.09
CA ASP B 133 -11.60 1.87 -9.65
C ASP B 133 -12.67 2.23 -10.67
N VAL B 134 -13.23 1.21 -11.34
CA VAL B 134 -14.15 1.50 -12.45
C VAL B 134 -15.44 2.18 -11.99
N ASP B 135 -15.63 2.35 -10.69
CA ASP B 135 -16.77 3.11 -10.16
C ASP B 135 -16.55 4.62 -10.26
N HIS B 136 -15.30 5.09 -10.17
CA HIS B 136 -15.04 6.54 -10.16
C HIS B 136 -15.43 7.17 -11.49
N PRO B 137 -15.70 8.48 -11.48
CA PRO B 137 -16.10 9.14 -12.73
C PRO B 137 -14.95 9.24 -13.70
N PRO B 138 -15.23 9.27 -15.02
CA PRO B 138 -14.15 9.26 -16.02
C PRO B 138 -13.12 10.36 -15.90
N ALA B 139 -13.55 11.59 -15.57
CA ALA B 139 -12.59 12.68 -15.51
C ALA B 139 -11.54 12.43 -14.44
N ARG B 140 -11.94 11.81 -13.32
CA ARG B 140 -10.99 11.53 -12.25
C ARG B 140 -9.95 10.52 -12.70
N LEU B 141 -10.41 9.39 -13.27
CA LEU B 141 -9.51 8.39 -13.82
C LEU B 141 -8.55 8.97 -14.87
N ALA B 142 -9.06 9.80 -15.78
CA ALA B 142 -8.17 10.41 -16.79
C ALA B 142 -7.10 11.29 -16.14
N ALA B 143 -7.48 12.06 -15.11
CA ALA B 143 -6.45 12.89 -14.48
C ALA B 143 -5.39 12.04 -13.79
N MET B 144 -5.79 10.90 -13.19
CA MET B 144 -4.77 10.04 -12.54
C MET B 144 -3.80 9.47 -13.57
N VAL B 145 -4.33 9.01 -14.70
CA VAL B 145 -3.46 8.46 -15.73
C VAL B 145 -2.47 9.51 -16.22
N GLU B 146 -2.94 10.75 -16.41
CA GLU B 146 -2.04 11.82 -16.83
C GLU B 146 -0.95 12.11 -15.80
N ARG B 147 -1.34 12.26 -14.53
CA ARG B 147 -0.34 12.66 -13.54
C ARG B 147 0.72 11.58 -13.33
N ALA B 148 0.30 10.32 -13.41
CA ALA B 148 1.24 9.21 -13.23
C ALA B 148 2.03 8.87 -14.49
N ARG B 149 1.69 9.51 -15.61
CA ARG B 149 2.32 9.26 -16.90
C ARG B 149 2.20 7.79 -17.28
N ALA B 150 1.04 7.21 -17.00
CA ALA B 150 0.73 5.85 -17.43
C ALA B 150 0.45 5.87 -18.95
N GLY B 151 1.31 5.25 -19.73
CA GLY B 151 1.16 5.20 -21.18
C GLY B 151 0.29 4.07 -21.74
N THR B 152 -0.13 3.16 -20.89
CA THR B 152 -0.94 1.99 -21.24
C THR B 152 -2.03 1.82 -20.21
N VAL B 153 -3.24 1.46 -20.63
CA VAL B 153 -4.36 1.18 -19.73
C VAL B 153 -4.88 -0.21 -20.08
N VAL B 154 -4.89 -1.11 -19.12
CA VAL B 154 -5.40 -2.48 -19.33
C VAL B 154 -6.84 -2.49 -18.86
N THR B 155 -7.77 -2.89 -19.73
CA THR B 155 -9.18 -2.86 -19.34
C THR B 155 -9.93 -3.96 -20.11
N CYS B 156 -11.27 -3.96 -20.01
CA CYS B 156 -12.07 -4.96 -20.71
C CYS B 156 -13.26 -4.24 -21.32
N GLN B 157 -13.99 -4.94 -22.20
CA GLN B 157 -15.04 -4.25 -22.98
C GLN B 157 -16.10 -3.63 -22.07
N GLY B 158 -16.58 -4.39 -21.10
CA GLY B 158 -17.56 -3.83 -20.18
C GLY B 158 -17.14 -2.48 -19.58
N ALA B 159 -15.88 -2.42 -19.14
CA ALA B 159 -15.36 -1.22 -18.44
C ALA B 159 -14.53 -0.31 -19.36
N LEU B 160 -14.88 -0.28 -20.65
CA LEU B 160 -14.15 0.57 -21.64
C LEU B 160 -14.68 2.01 -21.57
N PRO B 161 -16.00 2.24 -21.79
CA PRO B 161 -16.57 3.59 -21.74
C PRO B 161 -16.47 4.22 -20.34
N LEU B 167 -8.47 6.75 -23.53
CA LEU B 167 -7.11 7.06 -23.01
C LEU B 167 -6.06 6.41 -23.91
N PRO B 168 -4.85 7.01 -24.08
CA PRO B 168 -3.81 6.44 -24.92
C PRO B 168 -3.39 5.05 -24.43
N GLY B 169 -3.01 4.20 -25.37
CA GLY B 169 -2.50 2.87 -25.07
C GLY B 169 -3.45 1.90 -24.41
N THR B 170 -4.70 1.81 -24.87
CA THR B 170 -5.65 0.90 -24.25
C THR B 170 -5.51 -0.54 -24.76
N VAL B 171 -5.37 -1.48 -23.83
CA VAL B 171 -5.29 -2.91 -24.10
C VAL B 171 -6.61 -3.48 -23.57
N VAL B 172 -7.42 -4.08 -24.43
CA VAL B 172 -8.75 -4.56 -24.04
C VAL B 172 -8.67 -6.09 -24.01
N VAL B 173 -8.61 -6.68 -22.80
CA VAL B 173 -8.13 -8.05 -22.73
C VAL B 173 -9.11 -9.05 -23.30
N ASP B 174 -10.39 -8.70 -23.44
CA ASP B 174 -11.35 -9.64 -23.96
C ASP B 174 -11.83 -9.26 -25.35
N ASP B 175 -11.17 -8.29 -26.00
CA ASP B 175 -11.35 -8.07 -27.44
C ASP B 175 -10.89 -9.31 -28.18
N ALA B 176 -11.62 -9.71 -29.26
CA ALA B 176 -11.27 -10.93 -29.96
C ALA B 176 -9.81 -10.95 -30.41
N ALA B 177 -9.39 -9.88 -31.08
CA ALA B 177 -8.02 -9.85 -31.60
C ALA B 177 -7.00 -9.92 -30.49
N THR B 178 -7.29 -9.29 -29.34
CA THR B 178 -6.33 -9.33 -28.25
C THR B 178 -6.31 -10.72 -27.60
N ARG B 179 -7.47 -11.35 -27.39
CA ARG B 179 -7.47 -12.75 -26.93
C ARG B 179 -6.64 -13.63 -27.83
N ASP B 180 -6.81 -13.45 -29.15
CA ASP B 180 -6.06 -14.29 -30.04
C ASP B 180 -4.57 -14.03 -29.92
N ARG B 181 -4.17 -12.76 -29.77
CA ARG B 181 -2.74 -12.49 -29.63
C ARG B 181 -2.18 -13.11 -28.37
N LEU B 182 -2.91 -13.00 -27.23
CA LEU B 182 -2.42 -13.59 -25.99
C LEU B 182 -2.22 -15.10 -26.13
N ALA B 183 -3.17 -15.78 -26.78
CA ALA B 183 -3.00 -17.22 -27.00
C ALA B 183 -1.80 -17.56 -27.88
N GLY B 184 -1.37 -16.64 -28.73
CA GLY B 184 -0.25 -16.76 -29.64
C GLY B 184 1.08 -16.19 -29.16
N LEU B 185 1.20 -15.80 -27.87
CA LEU B 185 2.45 -15.35 -27.29
C LEU B 185 2.97 -16.38 -26.29
N GLU B 186 4.30 -16.58 -26.27
CA GLU B 186 4.92 -17.37 -25.22
C GLU B 186 4.92 -16.56 -23.93
N PRO B 187 4.57 -17.17 -22.78
CA PRO B 187 4.63 -16.40 -21.52
C PRO B 187 6.02 -15.80 -21.37
N LEU B 188 6.08 -14.49 -20.97
CA LEU B 188 7.34 -13.72 -20.93
C LEU B 188 8.15 -14.08 -19.66
N PRO B 189 9.44 -14.37 -19.75
CA PRO B 189 10.21 -14.61 -18.49
C PRO B 189 10.27 -13.32 -17.69
N THR B 190 10.15 -13.41 -16.34
CA THR B 190 10.03 -12.16 -15.57
C THR B 190 11.20 -11.22 -15.86
N ARG B 191 10.91 -9.94 -16.10
CA ARG B 191 12.04 -9.03 -16.32
C ARG B 191 12.88 -8.92 -15.06
N ASP B 192 14.12 -8.52 -15.22
CA ASP B 192 14.93 -8.18 -14.05
C ASP B 192 14.33 -6.90 -13.44
N VAL B 193 14.12 -6.90 -12.13
CA VAL B 193 13.49 -5.76 -11.43
C VAL B 193 14.45 -5.29 -10.34
N HIS B 194 14.81 -3.99 -10.38
CA HIS B 194 15.57 -3.34 -9.30
C HIS B 194 14.65 -3.07 -8.11
N PRO B 195 15.08 -3.36 -6.89
CA PRO B 195 14.16 -3.19 -5.75
C PRO B 195 13.66 -1.78 -5.57
N ASP B 196 14.38 -0.75 -6.06
CA ASP B 196 13.84 0.60 -5.87
C ASP B 196 12.93 1.05 -7.01
N GLN B 197 12.67 0.18 -8.01
CA GLN B 197 11.62 0.47 -8.97
C GLN B 197 10.27 0.34 -8.32
N LEU B 198 9.28 1.10 -8.85
CA LEU B 198 7.96 1.04 -8.22
C LEU B 198 7.24 -0.26 -8.52
N ALA B 199 6.49 -0.72 -7.51
CA ALA B 199 5.54 -1.82 -7.70
C ALA B 199 4.15 -1.29 -7.99
N TYR B 200 3.74 -0.18 -7.37
CA TYR B 200 2.40 0.34 -7.62
C TYR B 200 2.41 1.83 -7.35
N THR B 201 1.46 2.53 -7.98
CA THR B 201 1.18 3.93 -7.67
C THR B 201 -0.29 3.99 -7.33
N ILE B 202 -0.62 4.39 -6.10
CA ILE B 202 -2.01 4.46 -5.65
C ILE B 202 -2.31 5.90 -5.24
N PHE B 203 -3.42 6.43 -5.76
CA PHE B 203 -3.80 7.80 -5.44
C PHE B 203 -4.56 7.89 -4.15
N THR B 204 -4.27 8.95 -3.40
CA THR B 204 -5.11 9.27 -2.24
C THR B 204 -5.67 10.69 -2.36
N SER B 205 -6.61 11.04 -1.48
CA SER B 205 -7.22 12.37 -1.56
C SER B 205 -6.15 13.45 -1.35
N GLY B 206 -6.24 14.54 -2.12
CA GLY B 206 -5.32 15.67 -1.98
C GLY B 206 -6.04 16.97 -1.67
N SER B 207 -5.62 17.64 -0.59
CA SER B 207 -6.23 18.93 -0.17
C SER B 207 -6.03 19.98 -1.27
N GLU B 210 -7.06 18.12 -6.11
CA GLU B 210 -6.14 17.28 -6.93
C GLU B 210 -5.60 16.13 -6.06
N PRO B 211 -5.85 14.85 -6.43
CA PRO B 211 -5.35 13.71 -5.64
C PRO B 211 -3.84 13.49 -5.87
N LYS B 212 -3.15 12.97 -4.85
CA LYS B 212 -1.69 12.71 -4.95
C LYS B 212 -1.46 11.21 -5.21
N GLY B 213 -0.53 10.90 -6.13
CA GLY B 213 -0.21 9.52 -6.47
C GLY B 213 0.98 9.00 -5.75
N VAL B 214 0.80 8.04 -4.83
CA VAL B 214 1.89 7.60 -3.99
C VAL B 214 2.59 6.46 -4.71
N GLY B 215 3.90 6.64 -5.02
CA GLY B 215 4.67 5.57 -5.66
C GLY B 215 5.40 4.74 -4.61
N VAL B 216 5.15 3.43 -4.53
CA VAL B 216 5.71 2.54 -3.51
C VAL B 216 6.63 1.55 -4.21
N ALA B 217 7.89 1.48 -3.76
CA ALA B 217 8.85 0.57 -4.42
C ALA B 217 8.65 -0.90 -4.07
N HIS B 218 9.20 -1.74 -4.93
CA HIS B 218 9.27 -3.17 -4.66
C HIS B 218 9.85 -3.46 -3.30
N ARG B 219 10.94 -2.79 -2.93
CA ARG B 219 11.62 -3.10 -1.67
C ARG B 219 10.66 -2.87 -0.47
N ALA B 220 9.89 -1.80 -0.55
CA ALA B 220 8.99 -1.41 0.57
C ALA B 220 7.87 -2.44 0.72
N ILE B 221 7.23 -2.81 -0.41
CA ILE B 221 6.10 -3.75 -0.29
C ILE B 221 6.62 -5.18 -0.02
N ALA B 222 7.81 -5.53 -0.51
CA ALA B 222 8.39 -6.83 -0.15
C ALA B 222 8.61 -6.93 1.35
N ASN B 223 9.08 -5.85 1.99
CA ASN B 223 9.23 -5.89 3.44
C ASN B 223 7.89 -6.10 4.11
N ARG B 224 6.88 -5.31 3.68
CA ARG B 224 5.57 -5.34 4.34
C ARG B 224 4.93 -6.73 4.24
N LEU B 225 5.05 -7.39 3.06
CA LEU B 225 4.40 -8.67 2.90
C LEU B 225 5.16 -9.81 3.57
N GLN B 226 6.48 -9.76 3.55
CA GLN B 226 7.21 -10.80 4.29
C GLN B 226 7.02 -10.68 5.79
N TRP B 227 6.89 -9.44 6.30
CA TRP B 227 6.60 -9.29 7.72
C TRP B 227 5.24 -9.90 8.03
N MET B 228 4.27 -9.65 7.15
CA MET B 228 2.92 -10.15 7.40
C MET B 228 2.93 -11.68 7.46
N GLN B 229 3.66 -12.29 6.54
CA GLN B 229 3.67 -13.77 6.49
C GLN B 229 4.41 -14.34 7.69
N HIS B 230 5.49 -13.71 8.12
CA HIS B 230 6.16 -14.19 9.36
C HIS B 230 5.23 -14.11 10.56
N THR B 231 4.41 -13.05 10.61
CA THR B 231 3.59 -12.78 11.80
C THR B 231 2.36 -13.67 11.86
N TYR B 232 1.66 -13.88 10.72
CA TYR B 232 0.37 -14.57 10.72
C TYR B 232 0.43 -15.94 10.04
N ARG B 233 1.51 -16.25 9.31
CA ARG B 233 1.84 -17.61 8.83
C ARG B 233 0.69 -18.28 8.07
N LEU B 234 0.42 -17.75 6.86
CA LEU B 234 -0.51 -18.45 6.00
C LEU B 234 0.10 -19.79 5.61
N THR B 235 -0.76 -20.79 5.52
CA THR B 235 -0.37 -22.07 4.91
C THR B 235 -1.08 -22.23 3.59
N PRO B 236 -0.74 -23.23 2.81
CA PRO B 236 -1.48 -23.44 1.57
C PRO B 236 -2.92 -23.76 1.74
N GLU B 237 -3.38 -24.17 2.95
CA GLU B 237 -4.76 -24.45 3.22
C GLU B 237 -5.56 -23.19 3.52
N ASP B 238 -4.89 -22.06 3.73
CA ASP B 238 -5.62 -20.82 4.07
C ASP B 238 -6.37 -20.28 2.84
N ARG B 239 -7.42 -19.51 3.13
CA ARG B 239 -8.21 -18.83 2.08
C ARG B 239 -8.36 -17.36 2.49
N VAL B 240 -7.66 -16.42 1.85
CA VAL B 240 -7.89 -14.98 2.18
C VAL B 240 -8.89 -14.39 1.17
N ALA B 241 -9.87 -13.63 1.67
CA ALA B 241 -10.89 -12.98 0.83
C ALA B 241 -10.31 -11.75 0.14
N GLN B 242 -10.63 -11.60 -1.16
CA GLN B 242 -10.35 -10.35 -1.91
C GLN B 242 -11.66 -9.58 -1.96
N LYS B 243 -11.81 -8.62 -1.05
CA LYS B 243 -13.03 -7.87 -0.95
C LYS B 243 -12.77 -6.36 -0.90
N THR B 244 -11.52 -5.90 -0.87
CA THR B 244 -11.30 -4.45 -0.73
C THR B 244 -11.13 -3.81 -2.12
N PRO B 245 -11.72 -2.65 -2.36
CA PRO B 245 -11.58 -1.99 -3.67
C PRO B 245 -10.10 -1.80 -4.03
N VAL B 246 -9.78 -1.93 -5.34
CA VAL B 246 -8.39 -2.03 -5.77
C VAL B 246 -7.66 -0.71 -5.63
N GLY B 247 -8.41 0.39 -5.49
CA GLY B 247 -7.86 1.70 -5.26
C GLY B 247 -7.47 1.98 -3.84
N PHE B 248 -7.71 1.07 -2.87
CA PHE B 248 -7.34 1.25 -1.48
C PHE B 248 -6.15 0.31 -1.24
N ASP B 249 -5.06 0.80 -0.60
CA ASP B 249 -3.85 -0.01 -0.61
C ASP B 249 -3.93 -1.26 0.24
N VAL B 250 -4.92 -1.39 1.11
CA VAL B 250 -5.14 -2.68 1.77
C VAL B 250 -5.29 -3.80 0.74
N SER B 251 -5.90 -3.49 -0.42
CA SER B 251 -6.07 -4.55 -1.44
C SER B 251 -4.72 -5.11 -1.88
N VAL B 252 -3.63 -4.35 -1.78
CA VAL B 252 -2.32 -4.89 -2.18
C VAL B 252 -2.00 -6.15 -1.38
N TRP B 253 -2.24 -6.15 -0.07
CA TRP B 253 -1.89 -7.43 0.56
C TRP B 253 -2.95 -8.49 0.34
N GLU B 254 -4.22 -8.09 0.13
CA GLU B 254 -5.21 -9.14 -0.18
C GLU B 254 -4.83 -9.90 -1.42
N PHE B 255 -4.37 -9.19 -2.48
CA PHE B 255 -3.99 -9.91 -3.69
C PHE B 255 -2.71 -10.71 -3.46
N PHE B 256 -1.70 -10.08 -2.87
CA PHE B 256 -0.37 -10.65 -3.01
C PHE B 256 0.06 -11.51 -1.83
N TRP B 257 -0.41 -11.24 -0.62
CA TRP B 257 0.00 -12.11 0.47
C TRP B 257 -0.38 -13.56 0.19
N PRO B 258 -1.63 -13.91 -0.15
CA PRO B 258 -1.87 -15.35 -0.38
C PRO B 258 -1.02 -15.86 -1.53
N LEU B 259 -0.78 -15.02 -2.57
CA LEU B 259 -0.09 -15.56 -3.75
C LEU B 259 1.43 -15.67 -3.55
N ILE B 260 1.98 -15.20 -2.42
CA ILE B 260 3.42 -15.47 -2.15
C ILE B 260 3.58 -16.62 -1.18
N THR B 261 2.47 -17.27 -0.78
CA THR B 261 2.52 -18.35 0.22
C THR B 261 1.92 -19.67 -0.24
N GLY B 262 1.22 -19.72 -1.39
CA GLY B 262 0.54 -20.95 -1.76
C GLY B 262 -0.88 -21.07 -1.29
N ALA B 263 -1.38 -20.07 -0.57
CA ALA B 263 -2.77 -20.05 -0.17
C ALA B 263 -3.67 -19.66 -1.34
N THR B 264 -4.97 -19.75 -1.12
CA THR B 264 -5.97 -19.47 -2.18
C THR B 264 -6.62 -18.12 -1.94
N LEU B 265 -6.79 -17.33 -3.02
CA LEU B 265 -7.51 -16.05 -2.96
C LEU B 265 -8.95 -16.30 -3.38
N VAL B 266 -9.91 -15.92 -2.52
CA VAL B 266 -11.35 -16.06 -2.78
C VAL B 266 -11.85 -14.68 -3.18
N VAL B 267 -12.25 -14.48 -4.44
CA VAL B 267 -12.53 -13.15 -4.95
C VAL B 267 -14.01 -12.85 -4.82
N ALA B 268 -14.38 -11.81 -4.06
CA ALA B 268 -15.79 -11.46 -3.96
C ALA B 268 -16.28 -10.82 -5.26
N ARG B 269 -17.58 -10.94 -5.53
CA ARG B 269 -18.10 -10.28 -6.72
C ARG B 269 -17.90 -8.76 -6.64
N PRO B 270 -17.86 -8.09 -7.78
CA PRO B 270 -17.91 -6.62 -7.75
C PRO B 270 -19.11 -6.14 -6.95
N GLY B 271 -18.87 -5.16 -6.08
CA GLY B 271 -19.85 -4.62 -5.16
C GLY B 271 -20.12 -5.47 -3.94
N GLY B 272 -19.58 -6.68 -3.87
CA GLY B 272 -20.03 -7.53 -2.76
C GLY B 272 -19.56 -7.08 -1.40
N HIS B 273 -18.57 -6.19 -1.33
CA HIS B 273 -18.08 -5.71 -0.08
C HIS B 273 -19.10 -4.83 0.60
N ARG B 274 -20.12 -4.37 -0.14
CA ARG B 274 -21.25 -3.55 0.32
C ARG B 274 -22.35 -4.37 0.97
N ASP B 275 -22.32 -5.70 0.84
CA ASP B 275 -23.43 -6.55 1.24
C ASP B 275 -22.92 -7.55 2.27
N PRO B 276 -23.09 -7.30 3.58
CA PRO B 276 -22.52 -8.21 4.58
C PRO B 276 -23.13 -9.59 4.58
N ALA B 277 -24.42 -9.75 4.21
CA ALA B 277 -24.96 -11.11 4.12
C ALA B 277 -24.30 -11.89 2.99
N TYR B 278 -23.99 -11.20 1.88
CA TYR B 278 -23.25 -11.86 0.82
C TYR B 278 -21.85 -12.26 1.31
N LEU B 279 -21.14 -11.34 2.00
CA LEU B 279 -19.82 -11.71 2.52
C LEU B 279 -19.90 -12.90 3.45
N ALA B 280 -20.87 -12.93 4.36
CA ALA B 280 -20.96 -14.08 5.28
C ALA B 280 -21.22 -15.37 4.52
N ALA B 281 -22.07 -15.29 3.51
CA ALA B 281 -22.31 -16.46 2.64
C ALA B 281 -21.07 -16.92 1.90
N LEU B 282 -20.34 -15.98 1.30
CA LEU B 282 -19.09 -16.31 0.58
C LEU B 282 -18.08 -16.93 1.53
N PHE B 283 -17.96 -16.34 2.73
CA PHE B 283 -16.98 -16.87 3.68
C PHE B 283 -17.32 -18.29 4.09
N ALA B 284 -18.63 -18.56 4.31
CA ALA B 284 -19.02 -19.92 4.71
C ALA B 284 -18.82 -20.90 3.56
N GLU B 285 -19.20 -20.50 2.34
CA GLU B 285 -19.11 -21.39 1.17
C GLU B 285 -17.68 -21.86 0.93
N HIS B 286 -16.70 -20.94 0.98
CA HIS B 286 -15.32 -21.26 0.66
C HIS B 286 -14.44 -21.39 1.87
N LYS B 287 -15.02 -21.41 3.08
CA LYS B 287 -14.27 -21.59 4.32
C LYS B 287 -13.10 -20.60 4.35
N VAL B 288 -13.44 -19.35 4.10
CA VAL B 288 -12.47 -18.26 4.25
C VAL B 288 -11.88 -18.21 5.65
N THR B 289 -10.54 -18.13 5.72
CA THR B 289 -9.87 -18.11 7.03
C THR B 289 -9.27 -16.77 7.42
N VAL B 290 -9.05 -15.88 6.46
CA VAL B 290 -8.43 -14.57 6.76
C VAL B 290 -9.11 -13.50 5.94
N CYS B 291 -9.43 -12.36 6.56
CA CYS B 291 -9.92 -11.23 5.81
C CYS B 291 -9.61 -9.92 6.52
N HIS B 292 -9.92 -8.83 5.83
CA HIS B 292 -9.80 -7.46 6.34
C HIS B 292 -11.18 -6.83 6.52
N PHE B 293 -11.32 -5.96 7.56
CA PHE B 293 -12.39 -4.97 7.56
C PHE B 293 -11.85 -3.61 7.98
N VAL B 294 -12.45 -2.53 7.44
CA VAL B 294 -12.35 -1.18 8.05
C VAL B 294 -13.33 -1.14 9.22
N PRO B 295 -13.00 -0.43 10.33
CA PRO B 295 -13.86 -0.37 11.52
C PRO B 295 -15.36 -0.11 11.29
N SER B 296 -15.72 0.77 10.36
CA SER B 296 -17.13 1.11 10.15
C SER B 296 -17.85 -0.04 9.44
N LEU B 297 -17.11 -0.74 8.54
CA LEU B 297 -17.73 -1.87 7.87
C LEU B 297 -17.67 -3.15 8.69
N LEU B 298 -16.75 -3.25 9.64
CA LEU B 298 -16.81 -4.33 10.61
C LEU B 298 -18.07 -4.24 11.45
N ARG B 299 -18.43 -3.01 11.84
CA ARG B 299 -19.69 -2.79 12.56
C ARG B 299 -20.88 -3.26 11.74
N VAL B 300 -20.88 -2.92 10.44
CA VAL B 300 -21.97 -3.36 9.55
C VAL B 300 -22.00 -4.89 9.46
N PHE B 301 -20.83 -5.52 9.34
CA PHE B 301 -20.76 -6.97 9.27
C PHE B 301 -21.31 -7.61 10.55
N LEU B 302 -20.93 -7.07 11.71
CA LEU B 302 -21.39 -7.72 12.95
C LEU B 302 -22.89 -7.49 13.19
N ASN B 303 -23.47 -6.44 12.60
CA ASN B 303 -24.92 -6.23 12.68
C ASN B 303 -25.68 -7.19 11.78
N GLU B 304 -25.00 -7.97 10.97
CA GLU B 304 -25.68 -8.91 10.10
C GLU B 304 -25.92 -10.22 10.83
N PRO B 305 -27.18 -10.69 10.90
CA PRO B 305 -27.50 -11.93 11.62
C PRO B 305 -26.64 -13.13 11.26
N THR B 306 -26.23 -13.30 10.00
CA THR B 306 -25.50 -14.49 9.61
C THR B 306 -23.99 -14.35 9.73
N ALA B 307 -23.48 -13.23 10.26
CA ALA B 307 -22.03 -13.10 10.42
C ALA B 307 -21.46 -14.26 11.22
N ARG B 308 -22.24 -14.80 12.19
CA ARG B 308 -21.74 -15.88 13.03
C ARG B 308 -21.49 -17.18 12.26
N ARG B 309 -21.92 -17.25 10.97
CA ARG B 309 -21.71 -18.40 10.13
C ARG B 309 -20.31 -18.43 9.54
N ALA B 310 -19.52 -17.38 9.72
CA ALA B 310 -18.13 -17.34 9.20
C ALA B 310 -17.17 -18.02 10.18
N THR B 311 -17.47 -19.28 10.53
CA THR B 311 -16.72 -19.95 11.58
C THR B 311 -15.35 -20.45 11.11
N ALA B 312 -15.03 -20.38 9.81
CA ALA B 312 -13.68 -20.75 9.40
C ALA B 312 -12.67 -19.63 9.62
N LEU B 313 -13.12 -18.40 9.85
CA LEU B 313 -12.19 -17.30 10.08
C LEU B 313 -11.31 -17.60 11.26
N ARG B 314 -9.99 -17.47 11.07
CA ARG B 314 -9.02 -17.59 12.15
C ARG B 314 -8.27 -16.30 12.44
N GLN B 315 -8.25 -15.35 11.50
CA GLN B 315 -7.55 -14.10 11.72
C GLN B 315 -8.26 -13.03 10.91
N VAL B 316 -8.65 -11.96 11.56
CA VAL B 316 -9.15 -10.78 10.84
C VAL B 316 -8.22 -9.63 11.15
N ILE B 317 -7.94 -8.86 10.10
CA ILE B 317 -7.14 -7.63 10.17
C ILE B 317 -8.07 -6.45 10.08
N VAL B 318 -7.97 -5.51 11.01
CA VAL B 318 -8.78 -4.30 10.99
C VAL B 318 -7.86 -3.12 10.88
N SER B 319 -8.09 -2.26 9.88
CA SER B 319 -7.27 -1.05 9.75
C SER B 319 -8.06 0.02 9.05
N GLY B 320 -7.55 1.25 9.13
CA GLY B 320 -8.06 2.35 8.32
C GLY B 320 -8.72 3.46 9.13
N GLU B 321 -9.23 3.14 10.31
CA GLU B 321 -9.93 4.10 11.19
C GLU B 321 -9.66 3.67 12.60
N ALA B 322 -9.99 4.52 13.57
CA ALA B 322 -9.83 4.07 14.95
C ALA B 322 -10.76 2.88 15.23
N LEU B 323 -10.21 1.86 15.88
CA LEU B 323 -11.00 0.71 16.36
C LEU B 323 -11.44 0.96 17.81
N ASP B 324 -12.74 0.94 18.05
CA ASP B 324 -13.27 1.13 19.41
C ASP B 324 -13.27 -0.17 20.20
N ALA B 325 -13.14 -0.06 21.52
CA ALA B 325 -13.14 -1.28 22.32
C ALA B 325 -14.49 -2.00 22.31
N ASP B 326 -15.61 -1.28 22.25
CA ASP B 326 -16.87 -2.02 22.24
C ASP B 326 -17.04 -2.83 20.97
N LEU B 327 -16.48 -2.34 19.85
CA LEU B 327 -16.54 -3.13 18.62
C LEU B 327 -15.68 -4.38 18.73
N ALA B 328 -14.48 -4.26 19.33
CA ALA B 328 -13.64 -5.45 19.52
C ALA B 328 -14.33 -6.47 20.43
N ARG B 329 -14.97 -5.99 21.52
CA ARG B 329 -15.70 -6.93 22.36
C ARG B 329 -16.84 -7.62 21.60
N ALA B 330 -17.55 -6.87 20.77
CA ALA B 330 -18.61 -7.47 19.94
C ALA B 330 -18.06 -8.52 18.98
N TRP B 331 -16.90 -8.25 18.37
CA TRP B 331 -16.28 -9.26 17.51
C TRP B 331 -16.05 -10.56 18.26
N ALA B 332 -15.47 -10.46 19.48
CA ALA B 332 -15.08 -11.65 20.21
C ALA B 332 -16.32 -12.44 20.67
N ARG B 333 -17.43 -11.76 20.99
CA ARG B 333 -18.68 -12.47 21.27
C ARG B 333 -19.25 -13.19 20.06
N THR B 334 -19.08 -12.63 18.86
CA THR B 334 -19.72 -13.19 17.68
C THR B 334 -18.90 -14.31 17.06
N LEU B 335 -17.57 -14.13 17.01
CA LEU B 335 -16.65 -15.10 16.40
C LEU B 335 -15.47 -15.37 17.30
N PRO B 336 -15.68 -16.15 18.38
CA PRO B 336 -14.62 -16.36 19.37
C PRO B 336 -13.35 -17.02 18.85
N GLN B 337 -13.39 -17.76 17.75
CA GLN B 337 -12.20 -18.43 17.29
C GLN B 337 -11.37 -17.58 16.32
N ALA B 338 -11.85 -16.39 15.99
CA ALA B 338 -11.18 -15.53 15.02
C ALA B 338 -10.37 -14.46 15.75
N ARG B 339 -9.05 -14.56 15.68
CA ARG B 339 -8.20 -13.54 16.28
C ARG B 339 -8.42 -12.24 15.54
N LEU B 340 -8.21 -11.12 16.24
CA LEU B 340 -8.39 -9.79 15.64
C LEU B 340 -7.17 -8.95 15.95
N ASP B 341 -6.56 -8.34 14.92
CA ASP B 341 -5.42 -7.43 15.10
C ASP B 341 -5.75 -6.08 14.48
N ASN B 342 -5.31 -5.01 15.16
CA ASN B 342 -5.45 -3.63 14.71
C ASN B 342 -4.15 -3.23 14.01
N LEU B 343 -4.22 -2.88 12.71
CA LEU B 343 -3.04 -2.43 11.99
C LEU B 343 -3.23 -0.98 11.61
N TYR B 344 -2.12 -0.25 11.53
CA TYR B 344 -2.21 1.16 11.16
C TYR B 344 -1.13 1.51 10.15
N GLY B 345 -1.47 2.40 9.20
CA GLY B 345 -0.42 3.11 8.47
C GLY B 345 -1.00 3.89 7.32
N PRO B 346 -0.23 4.87 6.84
CA PRO B 346 -0.64 5.65 5.67
C PRO B 346 -0.22 4.96 4.37
N THR B 347 -0.89 5.35 3.29
CA THR B 347 -0.46 4.85 1.95
C THR B 347 1.02 5.12 1.68
N GLU B 348 1.52 6.27 2.17
CA GLU B 348 2.90 6.69 2.03
C GLU B 348 3.93 5.78 2.68
N ALA B 349 3.52 4.74 3.41
CA ALA B 349 4.52 3.88 4.04
C ALA B 349 4.14 2.40 3.85
N ALA B 350 3.66 2.03 2.64
CA ALA B 350 3.46 0.63 2.25
C ALA B 350 2.43 -0.08 3.16
N VAL B 351 1.23 0.47 3.19
CA VAL B 351 0.00 -0.17 3.67
C VAL B 351 -0.14 -0.13 5.20
N ASP B 352 0.75 -0.79 5.98
CA ASP B 352 0.73 -0.62 7.44
C ASP B 352 2.14 -0.64 8.00
N VAL B 353 2.35 0.13 9.07
CA VAL B 353 3.65 0.20 9.73
C VAL B 353 3.57 -0.31 11.16
N THR B 354 2.36 -0.48 11.71
CA THR B 354 2.28 -0.99 13.12
C THR B 354 1.19 -2.05 13.19
N SER B 355 1.27 -2.90 14.22
CA SER B 355 0.20 -3.84 14.47
C SER B 355 0.06 -4.05 15.97
N HIS B 356 -1.16 -4.44 16.37
CA HIS B 356 -1.43 -4.72 17.82
C HIS B 356 -2.40 -5.90 17.88
N PRO B 357 -2.12 -6.92 18.71
CA PRO B 357 -3.08 -8.03 18.87
C PRO B 357 -4.19 -7.61 19.81
N VAL B 358 -5.45 -7.75 19.38
CA VAL B 358 -6.59 -7.19 20.16
C VAL B 358 -7.44 -8.30 20.74
N CYS B 359 -7.86 -9.27 19.91
CA CYS B 359 -8.69 -10.39 20.34
C CYS B 359 -7.97 -11.68 20.03
N GLY B 360 -8.05 -12.60 20.99
CA GLY B 360 -7.48 -13.94 20.79
C GLY B 360 -6.80 -14.42 22.07
N ALA B 361 -6.38 -15.69 22.13
CA ALA B 361 -5.70 -16.17 23.34
C ALA B 361 -4.43 -15.38 23.61
N GLY B 362 -4.22 -15.01 24.87
CA GLY B 362 -3.00 -14.27 25.12
C GLY B 362 -3.13 -12.76 25.07
N THR B 363 -4.27 -12.22 24.62
CA THR B 363 -4.36 -10.77 24.50
C THR B 363 -4.73 -10.17 25.85
N GLU B 364 -4.48 -8.87 25.99
CA GLU B 364 -4.87 -8.10 27.20
C GLU B 364 -6.34 -7.71 27.13
N PRO B 365 -6.98 -7.38 28.26
CA PRO B 365 -8.36 -6.93 28.19
C PRO B 365 -8.43 -5.65 27.37
N VAL B 366 -9.46 -5.54 26.55
CA VAL B 366 -9.47 -4.41 25.63
C VAL B 366 -10.07 -3.20 26.31
N ARG B 367 -9.51 -2.03 26.03
CA ARG B 367 -10.01 -0.79 26.60
C ARG B 367 -9.69 0.31 25.60
N ASP B 368 -10.40 1.41 25.69
CA ASP B 368 -10.10 2.54 24.83
C ASP B 368 -8.95 3.36 25.38
N PRO B 369 -8.07 3.91 24.53
CA PRO B 369 -8.02 3.67 23.09
C PRO B 369 -7.37 2.30 22.83
N VAL B 370 -7.85 1.58 21.81
CA VAL B 370 -7.20 0.33 21.44
C VAL B 370 -5.90 0.67 20.73
N PRO B 371 -4.73 0.23 21.20
CA PRO B 371 -3.47 0.69 20.60
C PRO B 371 -3.37 0.32 19.13
N ILE B 372 -2.65 1.18 18.40
CA ILE B 372 -2.20 0.76 17.05
C ILE B 372 -0.93 -0.08 17.13
N GLY B 373 -0.29 -0.14 18.29
CA GLY B 373 0.73 -1.16 18.53
C GLY B 373 2.18 -0.80 18.33
N ARG B 374 2.93 -1.69 17.68
CA ARG B 374 4.38 -1.63 17.64
C ARG B 374 4.82 -1.74 16.21
N PRO B 375 5.98 -1.20 15.86
CA PRO B 375 6.38 -1.17 14.44
C PRO B 375 6.68 -2.53 13.87
N VAL B 376 6.40 -2.64 12.55
CA VAL B 376 6.74 -3.83 11.78
C VAL B 376 8.24 -3.84 11.45
N TRP B 377 8.71 -4.82 10.69
CA TRP B 377 10.14 -4.91 10.43
C TRP B 377 10.70 -3.65 9.78
N ASN B 378 11.96 -3.35 10.09
CA ASN B 378 12.73 -2.34 9.35
C ASN B 378 12.03 -0.98 9.31
N THR B 379 11.30 -0.66 10.37
CA THR B 379 10.48 0.56 10.49
C THR B 379 10.73 1.17 11.85
N GLU B 380 10.78 2.51 11.86
CA GLU B 380 10.96 3.27 13.09
C GLU B 380 9.83 4.25 13.29
N LEU B 381 9.47 4.48 14.57
CA LEU B 381 8.41 5.42 14.91
C LEU B 381 9.01 6.50 15.80
N TYR B 382 8.70 7.74 15.50
CA TYR B 382 9.09 8.87 16.36
C TYR B 382 7.87 9.71 16.73
N VAL B 383 7.76 10.12 18.02
CA VAL B 383 6.65 10.98 18.40
C VAL B 383 7.28 12.35 18.65
N LEU B 384 7.01 13.32 17.77
CA LEU B 384 7.78 14.57 17.77
C LEU B 384 6.90 15.72 18.16
N ASP B 385 7.54 16.73 18.73
CA ASP B 385 6.85 17.99 19.04
C ASP B 385 7.02 18.94 17.84
N SER B 386 6.49 20.13 17.97
CA SER B 386 6.51 21.06 16.84
C SER B 386 7.88 21.65 16.61
N SER B 387 8.85 21.38 17.49
CA SER B 387 10.24 21.71 17.27
C SER B 387 11.05 20.53 16.76
N LEU B 388 10.38 19.42 16.40
CA LEU B 388 11.00 18.19 15.89
C LEU B 388 11.82 17.46 16.95
N ARG B 389 11.52 17.70 18.23
CA ARG B 389 12.19 16.97 19.30
C ARG B 389 11.36 15.78 19.73
N PRO B 390 12.03 14.65 20.05
CA PRO B 390 11.29 13.49 20.59
C PRO B 390 10.65 13.79 21.91
N LEU B 391 9.40 13.29 22.08
CA LEU B 391 8.70 13.52 23.34
C LEU B 391 8.97 12.38 24.30
N PRO B 392 8.96 12.69 25.59
CA PRO B 392 9.01 11.64 26.60
C PRO B 392 7.80 10.74 26.52
N THR B 393 8.01 9.49 26.94
CA THR B 393 6.96 8.47 26.97
C THR B 393 5.68 9.02 27.60
N GLY B 394 4.55 8.81 26.90
CA GLY B 394 3.24 9.23 27.38
C GLY B 394 2.79 10.59 26.89
N ALA B 395 3.71 11.44 26.47
CA ALA B 395 3.34 12.76 25.99
C ALA B 395 2.84 12.68 24.57
N VAL B 396 1.90 13.56 24.24
CA VAL B 396 1.25 13.55 22.93
C VAL B 396 2.10 14.34 21.93
N GLY B 397 2.33 13.77 20.74
CA GLY B 397 2.89 14.56 19.67
C GLY B 397 2.56 13.88 18.35
N GLU B 398 3.19 14.36 17.28
CA GLU B 398 2.87 13.84 15.94
C GLU B 398 3.76 12.68 15.55
N LEU B 399 3.15 11.64 14.97
CA LEU B 399 3.88 10.43 14.56
C LEU B 399 4.65 10.68 13.24
N TYR B 400 5.94 10.44 13.29
CA TYR B 400 6.80 10.44 12.11
C TYR B 400 7.31 9.04 11.88
N LEU B 401 7.42 8.61 10.61
CA LEU B 401 7.78 7.22 10.28
C LEU B 401 9.11 7.16 9.53
N GLY B 402 9.98 6.24 9.94
CA GLY B 402 11.24 5.96 9.21
C GLY B 402 11.31 4.54 8.71
N GLY B 403 12.21 4.29 7.72
CA GLY B 403 12.57 2.92 7.40
C GLY B 403 12.29 2.56 5.96
N VAL B 404 12.33 1.25 5.72
CA VAL B 404 12.38 0.75 4.34
C VAL B 404 11.04 0.91 3.63
N GLN B 405 9.95 1.13 4.39
CA GLN B 405 8.64 1.13 3.74
C GLN B 405 8.22 2.48 3.22
N LEU B 406 8.99 3.55 3.46
CA LEU B 406 8.56 4.85 2.93
C LEU B 406 8.46 4.79 1.41
N ALA B 407 7.41 5.43 0.91
CA ALA B 407 7.26 5.54 -0.55
C ALA B 407 8.34 6.40 -1.15
N ARG B 408 8.50 6.29 -2.48
CA ARG B 408 9.41 7.16 -3.18
C ARG B 408 8.96 8.61 -3.03
N GLY B 409 7.67 8.85 -3.24
CA GLY B 409 7.10 10.19 -3.09
C GLY B 409 5.81 10.27 -3.89
N TYR B 410 5.39 11.50 -4.15
CA TYR B 410 4.14 11.72 -4.87
C TYR B 410 4.48 11.95 -6.33
N VAL B 411 3.95 11.10 -7.23
CA VAL B 411 4.42 11.18 -8.63
C VAL B 411 4.12 12.56 -9.22
N GLY B 412 5.18 13.15 -9.84
CA GLY B 412 4.98 14.43 -10.48
C GLY B 412 4.88 15.61 -9.55
N ARG B 413 5.09 15.42 -8.25
CA ARG B 413 4.89 16.47 -7.24
C ARG B 413 6.10 16.53 -6.28
N PRO B 414 7.23 17.06 -6.77
CA PRO B 414 8.44 17.14 -5.94
C PRO B 414 8.29 18.05 -4.73
N GLY B 415 7.68 19.22 -4.92
CA GLY B 415 7.46 20.18 -3.82
C GLY B 415 6.67 19.55 -2.68
N MET B 416 5.59 18.84 -3.03
CA MET B 416 4.73 18.16 -2.03
C MET B 416 5.54 17.05 -1.35
N THR B 417 6.26 16.26 -2.15
CA THR B 417 7.08 15.16 -1.63
C THR B 417 8.06 15.69 -0.58
N ALA B 418 8.83 16.73 -0.94
CA ALA B 418 9.87 17.27 -0.06
C ALA B 418 9.29 17.89 1.21
N SER B 419 8.02 18.27 1.16
CA SER B 419 7.39 18.88 2.33
C SER B 419 6.86 17.83 3.29
N ARG B 420 6.64 16.59 2.82
CA ARG B 420 6.15 15.55 3.74
C ARG B 420 7.12 14.40 3.99
N PHE B 421 8.07 14.13 3.08
CA PHE B 421 9.10 13.11 3.28
C PHE B 421 10.37 13.91 3.54
N VAL B 422 10.68 14.13 4.82
CA VAL B 422 11.62 15.17 5.23
C VAL B 422 12.90 14.53 5.75
N ALA B 423 13.97 15.30 5.85
CA ALA B 423 15.23 14.73 6.36
C ALA B 423 15.08 14.17 7.76
N ASN B 424 15.81 13.09 8.04
CA ASN B 424 15.63 12.34 9.29
C ASN B 424 16.74 12.65 10.30
N PRO B 425 16.45 13.33 11.40
CA PRO B 425 17.48 13.59 12.39
C PRO B 425 18.04 12.36 13.05
N PHE B 426 17.31 11.24 13.05
CA PHE B 426 17.58 10.11 13.93
C PHE B 426 18.17 8.90 13.22
N GLY B 427 18.01 8.80 11.90
CA GLY B 427 18.25 7.53 11.22
C GLY B 427 19.61 7.65 10.63
N PRO B 428 19.99 6.76 9.71
CA PRO B 428 21.27 6.87 9.07
C PRO B 428 21.35 8.14 8.24
N PRO B 429 22.56 8.63 7.99
CA PRO B 429 22.74 9.81 7.14
C PRO B 429 21.99 9.70 5.83
N GLY B 430 21.34 10.79 5.47
CA GLY B 430 20.63 10.89 4.22
C GLY B 430 19.27 10.26 4.25
N SER B 431 18.81 9.73 5.39
CA SER B 431 17.51 9.06 5.38
C SER B 431 16.39 10.08 5.57
N ARG B 432 15.16 9.63 5.32
CA ARG B 432 13.95 10.48 5.43
C ARG B 432 12.95 9.97 6.47
N LEU B 433 12.04 10.85 6.87
CA LEU B 433 10.89 10.52 7.69
C LEU B 433 9.63 10.92 6.95
N TYR B 434 8.54 10.17 7.11
CA TYR B 434 7.24 10.65 6.60
C TYR B 434 6.43 11.21 7.79
N ARG B 435 5.96 12.45 7.69
CA ARG B 435 5.13 13.07 8.74
C ARG B 435 3.68 12.65 8.49
N THR B 436 3.07 12.01 9.48
CA THR B 436 1.75 11.40 9.22
C THR B 436 0.58 12.33 9.35
N GLY B 437 0.71 13.40 10.15
CA GLY B 437 -0.43 14.22 10.52
C GLY B 437 -1.28 13.62 11.62
N ASP B 438 -0.84 12.48 12.18
CA ASP B 438 -1.58 11.79 13.26
C ASP B 438 -0.98 12.17 14.60
N LEU B 439 -1.87 12.51 15.56
CA LEU B 439 -1.48 12.71 16.95
C LEU B 439 -1.52 11.37 17.67
N VAL B 440 -0.44 11.05 18.36
CA VAL B 440 -0.29 9.77 19.05
C VAL B 440 0.38 9.99 20.40
N ARG B 441 0.42 8.92 21.19
CA ARG B 441 1.34 8.84 22.32
C ARG B 441 1.80 7.41 22.45
N ARG B 442 2.97 7.24 23.06
CA ARG B 442 3.50 5.92 23.38
C ARG B 442 3.22 5.59 24.83
N ARG B 443 2.64 4.41 25.07
CA ARG B 443 2.28 3.99 26.42
C ARG B 443 3.51 3.54 27.17
N ALA B 444 3.33 3.40 28.49
CA ALA B 444 4.39 2.89 29.36
C ALA B 444 5.06 1.67 28.75
N ASP B 445 4.26 0.69 28.28
CA ASP B 445 4.81 -0.55 27.75
C ASP B 445 5.33 -0.44 26.32
N GLY B 446 5.28 0.73 25.72
CA GLY B 446 5.83 0.91 24.40
C GLY B 446 4.82 0.82 23.29
N ALA B 447 3.60 0.38 23.53
CA ALA B 447 2.63 0.38 22.42
C ALA B 447 2.13 1.81 22.17
N VAL B 448 1.84 2.13 20.89
CA VAL B 448 1.41 3.46 20.51
C VAL B 448 -0.09 3.50 20.44
N GLU B 449 -0.66 4.65 20.85
CA GLU B 449 -2.10 4.92 20.80
C GLU B 449 -2.34 6.03 19.80
N TYR B 450 -3.32 5.83 18.93
CA TYR B 450 -3.78 6.87 18.01
C TYR B 450 -4.74 7.77 18.78
N LEU B 451 -4.55 9.11 18.69
CA LEU B 451 -5.41 10.04 19.42
C LEU B 451 -6.20 10.96 18.54
N GLY B 452 -5.75 11.27 17.33
CA GLY B 452 -6.57 12.09 16.47
C GLY B 452 -5.66 12.67 15.40
N ARG B 453 -6.14 13.74 14.75
CA ARG B 453 -5.41 14.40 13.64
C ARG B 453 -4.92 15.77 14.04
N VAL B 454 -3.76 16.14 13.50
CA VAL B 454 -3.30 17.54 13.55
C VAL B 454 -4.16 18.46 12.63
N ASP B 455 -4.88 17.91 11.65
CA ASP B 455 -5.63 18.69 10.66
C ASP B 455 -7.09 18.25 10.55
N ASP B 456 -7.71 18.54 9.39
CA ASP B 456 -9.12 18.28 9.15
C ASP B 456 -9.40 17.03 8.32
N GLN B 457 -8.39 16.19 8.09
CA GLN B 457 -8.59 15.00 7.27
C GLN B 457 -9.59 14.07 7.93
N VAL B 458 -10.46 13.46 7.11
CA VAL B 458 -11.46 12.55 7.64
C VAL B 458 -11.46 11.23 6.87
N LYS B 459 -12.16 10.26 7.44
CA LYS B 459 -12.43 8.98 6.79
C LYS B 459 -13.93 8.85 6.54
N ILE B 460 -14.30 8.30 5.40
CA ILE B 460 -15.70 7.96 5.19
C ILE B 460 -15.85 6.49 5.60
N ASN B 461 -15.91 5.58 4.62
CA ASN B 461 -15.97 4.15 4.94
C ASN B 461 -14.58 3.55 4.75
N GLY B 462 -13.64 4.12 5.53
CA GLY B 462 -12.23 3.81 5.45
C GLY B 462 -11.46 4.59 4.41
N VAL B 463 -12.14 5.36 3.55
CA VAL B 463 -11.53 6.09 2.45
C VAL B 463 -11.07 7.45 2.95
N ARG B 464 -9.81 7.77 2.69
CA ARG B 464 -9.20 9.02 3.15
C ARG B 464 -9.75 10.19 2.34
N VAL B 465 -10.30 11.20 3.02
CA VAL B 465 -11.00 12.30 2.35
C VAL B 465 -10.48 13.62 2.92
N GLU B 466 -9.97 14.48 2.03
CA GLU B 466 -9.44 15.81 2.44
C GLU B 466 -10.51 16.88 2.18
N PRO B 467 -11.15 17.44 3.23
CA PRO B 467 -12.19 18.46 3.04
C PRO B 467 -11.68 19.61 2.15
PA SRP C . -4.79 5.81 4.08
O1A SRP C . -3.52 6.45 3.56
O2A SRP C . -6.07 5.92 3.27
O3A SRP C . -4.29 4.32 4.49
O5' SRP C . -5.11 6.48 5.52
C5' SRP C . -4.11 6.54 6.49
C4' SRP C . -4.69 7.25 7.70
O4' SRP C . -5.77 6.43 8.20
C3' SRP C . -3.75 7.38 8.88
O3' SRP C . -2.87 8.49 8.74
C2' SRP C . -4.72 7.48 10.07
O2' SRP C . -5.27 8.79 10.17
C1' SRP C . -5.83 6.53 9.62
N9 SRP C . -5.65 5.15 10.15
C8 SRP C . -5.19 4.05 9.45
N7 SRP C . -5.18 2.94 10.24
C5 SRP C . -5.62 3.38 11.48
C6 SRP C . -5.89 2.75 12.76
N6 SRP C . -5.64 1.43 12.91
N1 SRP C . -6.36 3.54 13.78
C2 SRP C . -6.60 4.86 13.60
N3 SRP C . -6.39 5.52 12.43
C4 SRP C . -5.91 4.78 11.38
O SRP C . -5.91 3.60 6.00
C SRP C . -4.96 3.31 5.28
CA SRP C . -4.44 1.86 5.22
N SRP C . -3.15 1.99 4.60
CB SRP C . -4.34 1.25 6.63
OG SRP C . -4.16 -0.19 6.46
#